data_2NBL
#
_entry.id   2NBL
#
_entity_poly.entity_id   1
_entity_poly.type   'polypeptide(L)'
_entity_poly.pdbx_seq_one_letter_code
;(NH2)TEIRV(4FU)GVTIRMR(DAL)SH(DAL)FWVQV(DPR)(4G6)KEFKH(ACE)
;
_entity_poly.pdbx_strand_id   A
#
loop_
_chem_comp.id
_chem_comp.type
_chem_comp.name
_chem_comp.formula
4FU non-polymer '(1R,2S)-cyclohexane-1,2-dicarboxylic acid' 'C8 H12 O4'
4G6 non-polymer 2-methylpropane-1,2-diamine 'C4 H12 N2'
ACE non-polymer 'ACETYL GROUP' 'C2 H4 O'
NH2 non-polymer 'AMINO GROUP' 'H2 N'
#
# COMPACT_ATOMS: atom_id res chain seq x y z
N NH2 A 1 -1.22 -4.71 11.56
HN1 NH2 A 1 -0.72 -3.88 11.40
HN2 NH2 A 1 -0.85 -5.42 12.11
N THR A 2 -2.97 -4.08 8.77
CA THR A 2 -2.98 -3.72 10.18
C THR A 2 -2.41 -4.84 11.03
N GLU A 3 -1.05 -3.56 5.67
CA GLU A 3 -2.13 -4.11 6.49
C GLU A 3 -2.03 -3.62 7.94
N ILE A 4 0.93 -4.15 2.92
CA ILE A 4 0.17 -3.12 3.64
C ILE A 4 -1.02 -3.74 4.36
N ARG A 5 3.68 -5.05 1.66
CA ARG A 5 2.74 -5.72 2.56
C ARG A 5 2.05 -4.67 3.42
N VAL A 6 5.14 -5.03 -1.31
CA VAL A 6 4.44 -4.09 -0.44
C VAL A 6 3.37 -4.80 0.39
C7 4FU A 7 8.69 -4.75 -2.60
C8 4FU A 7 8.45 -6.19 -2.13
C9 4FU A 7 9.07 -7.17 -3.10
C11 4FU A 7 8.42 -7.02 -4.47
C12 4FU A 7 6.93 -7.29 -4.36
C13 4FU A 7 6.31 -6.30 -3.38
C14 4FU A 7 6.97 -6.46 -2.01
C 4FU A 7 6.32 -5.49 -1.02
O 4FU A 7 6.92 -5.17 0.01
O1 4FU A 7 9.32 -4.53 -3.64
H8 4FU A 7 8.92 -6.32 -1.15
H9 4FU A 7 10.14 -6.97 -3.19
HAI 4FU A 7 8.92 -8.18 -2.75
H112 4FU A 7 8.86 -7.75 -5.16
H111 4FU A 7 8.60 -6.02 -4.86
HAG 4FU A 7 6.46 -7.16 -5.34
H12 4FU A 7 6.77 -8.30 -4.00
HAL 4FU A 7 5.24 -6.50 -3.30
HAK 4FU A 7 6.46 -5.28 -3.74
H14 4FU A 7 6.80 -7.48 -1.65
N GLY A 8 8.22 -3.79 -1.85
CA GLY A 8 8.39 -2.37 -2.19
C GLY A 8 8.65 -1.54 -0.94
N VAL A 9 8.65 -2.21 0.21
CA VAL A 9 8.90 -1.60 1.52
C VAL A 9 7.58 -1.10 2.14
N THR A 10 7.66 -0.52 3.34
CA THR A 10 6.50 0.00 4.08
C THR A 10 5.56 -1.10 4.53
N ILE A 11 4.73 -0.76 5.50
CA ILE A 11 3.78 -1.72 6.06
C ILE A 11 2.70 -0.98 6.86
N ARG A 12 3.12 -0.04 7.70
CA ARG A 12 2.22 0.73 8.54
C ARG A 12 1.62 1.91 7.78
N MET A 13 0.87 2.74 8.49
CA MET A 13 0.24 3.93 7.89
C MET A 13 -0.70 3.51 6.77
N ARG A 14 -1.83 4.19 6.65
CA ARG A 14 -2.78 3.87 5.59
C ARG A 14 -3.82 4.98 5.43
N DAL A 15 -4.56 4.90 4.33
CA DAL A 15 -5.61 5.88 4.03
CB DAL A 15 -5.04 7.29 4.14
C DAL A 15 -6.80 5.72 4.96
O DAL A 15 -6.94 4.71 5.65
H DAL A 15 -4.41 4.15 3.72
HA DAL A 15 -5.94 5.72 3.01
HB1 DAL A 15 -5.05 7.62 5.17
HB2 DAL A 15 -5.65 7.98 3.56
HB3 DAL A 15 -4.03 7.31 3.77
N SER A 16 -7.66 6.73 4.97
CA SER A 16 -8.83 6.70 5.83
C SER A 16 -9.76 5.54 5.49
N HIS A 17 -9.93 5.29 4.20
CA HIS A 17 -10.79 4.19 3.75
C HIS A 17 -10.30 3.60 2.44
N DAL A 18 -9.10 3.97 2.05
CA DAL A 18 -8.51 3.46 0.81
CB DAL A 18 -8.26 1.95 0.93
C DAL A 18 -7.18 4.15 0.53
O DAL A 18 -6.96 5.29 0.93
H DAL A 18 -8.59 4.60 2.60
HA DAL A 18 -9.17 3.63 -0.02
HB1 DAL A 18 -8.02 1.54 -0.04
HB2 DAL A 18 -9.14 1.47 1.32
HB3 DAL A 18 -7.44 1.78 1.60
N PHE A 19 -6.30 3.44 -0.15
CA PHE A 19 -4.99 3.98 -0.49
C PHE A 19 -4.36 3.26 -1.67
N TRP A 20 -3.39 3.90 -2.30
CA TRP A 20 -2.71 3.32 -3.48
C TRP A 20 -1.27 2.94 -3.14
N VAL A 21 -0.82 1.81 -3.67
CA VAL A 21 0.54 1.35 -3.43
C VAL A 21 1.01 0.49 -4.60
N GLN A 22 2.22 0.77 -5.08
CA GLN A 22 2.76 0.01 -6.22
C GLN A 22 4.28 -0.04 -6.13
N VAL A 23 4.88 -1.09 -6.70
CA VAL A 23 6.33 -1.23 -6.68
C VAL A 23 6.94 -0.48 -7.87
N DPR A 24 8.14 0.04 -7.73
CA DPR A 24 8.79 0.79 -8.84
CB DPR A 24 9.98 1.46 -8.15
CG DPR A 24 10.33 0.56 -7.01
CD DPR A 24 9.01 -0.03 -6.53
C DPR A 24 7.84 1.81 -9.46
O DPR A 24 7.62 2.88 -8.90
HA DPR A 24 9.15 0.11 -9.59
HB2 DPR A 24 10.82 1.55 -8.85
HB3 DPR A 24 9.70 2.45 -7.79
HG2 DPR A 24 11.00 -0.22 -7.35
HG3 DPR A 24 10.79 1.13 -6.21
HD2 DPR A 24 9.14 -1.05 -6.22
HD3 DPR A 24 8.58 0.57 -5.73
CAA 4G6 A 25 7.11 3.49 -12.02
CAF 4G6 A 25 6.35 2.38 -11.29
CAB 4G6 A 25 5.38 3.02 -10.30
NAD 4G6 A 25 7.29 1.49 -10.60
CAE 4G6 A 25 5.53 1.59 -12.32
N 4G6 A 25 5.42 0.18 -11.92
HAC 4G6 A 25 7.37 3.16 -13.02
HAB 4G6 A 25 6.48 4.38 -12.09
HAA 4G6 A 25 8.01 3.73 -11.47
HAF 4G6 A 25 5.22 2.34 -9.46
HAD 4G6 A 25 4.42 3.21 -10.78
HAE 4G6 A 25 5.80 3.96 -9.93
HAL 4G6 A 25 7.50 0.61 -11.01
HAH 4G6 A 25 6.03 1.64 -13.29
HAG 4G6 A 25 4.54 2.03 -12.40
H 4G6 A 25 6.17 -0.27 -11.44
N LYS A 26 2.91 -2.39 -11.58
CA LYS A 26 4.29 -1.95 -11.73
C LYS A 26 4.33 -0.49 -12.19
N GLU A 27 0.13 -2.30 -9.25
CA GLU A 27 0.85 -2.90 -10.37
C GLU A 27 2.30 -2.40 -10.39
N PHE A 28 -2.33 -2.14 -7.34
CA PHE A 28 -0.90 -2.23 -7.07
C PHE A 28 -0.16 -3.00 -8.15
N LYS A 29 -5.44 -1.00 -6.04
CA LYS A 29 -4.57 -1.24 -7.17
C LYS A 29 -3.09 -1.21 -6.77
N HIS A 30 -7.03 -2.63 -3.28
CA HIS A 30 -6.44 -1.44 -3.89
C HIS A 30 -5.46 -1.82 -4.99
C ACE A 31 -7.79 -3.46 -4.00
O ACE A 31 -8.04 -3.28 -5.19
CH3 ACE A 31 -8.34 -4.67 -3.26
H1 ACE A 31 -7.56 -5.13 -2.66
H2 ACE A 31 -8.72 -5.39 -3.96
H3 ACE A 31 -9.14 -4.36 -2.60
N NH2 A 1 -2.10 -3.50 0.61
HN1 NH2 A 1 -1.57 -3.01 1.27
HN2 NH2 A 1 -2.26 -3.12 -0.28
N THR A 2 -2.19 -4.18 3.28
CA THR A 2 -2.37 -5.24 2.30
C THR A 2 -2.61 -4.66 0.91
N GLU A 3 -0.60 -2.14 4.79
CA GLU A 3 -1.41 -3.20 5.38
C GLU A 3 -1.54 -4.40 4.43
N ILE A 4 0.93 -1.00 2.15
CA ILE A 4 0.03 -0.45 3.18
C ILE A 4 -0.93 -1.53 3.66
N ARG A 5 4.13 -1.08 1.00
CA ARG A 5 3.00 -1.95 1.29
C ARG A 5 2.17 -1.38 2.44
N VAL A 6 6.47 -0.23 -1.52
CA VAL A 6 5.65 0.21 -0.39
C VAL A 6 4.43 -0.70 -0.24
C7 4FU A 7 10.54 -0.63 -1.25
C8 4FU A 7 10.03 -0.32 -2.67
C9 4FU A 7 10.38 1.10 -3.10
C11 4FU A 7 10.10 1.26 -4.58
C12 4FU A 7 9.00 0.32 -5.06
C13 4FU A 7 7.95 0.23 -3.97
C14 4FU A 7 8.53 -0.53 -2.77
C 4FU A 7 7.76 -0.04 -1.54
O 4FU A 7 8.36 0.54 -0.63
O1 4FU A 7 10.79 0.28 -0.49
H8 4FU A 7 10.53 -1.00 -3.36
H9 4FU A 7 9.78 1.80 -2.52
HAI 4FU A 7 11.44 1.29 -2.91
H112 4FU A 7 11.01 1.06 -5.14
H111 4FU A 7 9.79 2.29 -4.77
HAG 4FU A 7 8.55 0.71 -5.97
H12 4FU A 7 9.43 -0.66 -5.25
HAL 4FU A 7 7.08 -0.30 -4.35
HAK 4FU A 7 7.65 1.23 -3.66
H14 4FU A 7 8.31 -1.59 -2.90
N GLY A 8 10.66 -1.89 -0.93
CA GLY A 8 11.13 -2.30 0.40
C GLY A 8 9.97 -2.63 1.31
N VAL A 9 8.76 -2.34 0.82
CA VAL A 9 7.51 -2.59 1.55
C VAL A 9 7.57 -2.11 3.00
N THR A 10 6.38 -1.91 3.58
CA THR A 10 6.27 -1.42 4.94
C THR A 10 4.97 -1.93 5.59
N ILE A 11 4.84 -1.74 6.90
CA ILE A 11 3.64 -2.18 7.61
C ILE A 11 2.42 -1.35 7.23
N ARG A 12 1.40 -1.40 8.07
CA ARG A 12 0.16 -0.67 7.80
C ARG A 12 0.30 0.84 8.01
N MET A 13 -0.59 1.59 7.36
CA MET A 13 -0.59 3.06 7.45
C MET A 13 -2.00 3.59 7.24
N ARG A 14 -2.51 4.34 8.22
CA ARG A 14 -3.86 4.92 8.11
C ARG A 14 -4.83 4.00 7.37
N DAL A 15 -5.84 4.61 6.80
CA DAL A 15 -6.86 3.85 6.05
CB DAL A 15 -7.56 2.86 6.98
C DAL A 15 -6.22 3.11 4.90
O DAL A 15 -5.25 3.57 4.29
H DAL A 15 -5.92 5.58 6.87
HA DAL A 15 -7.59 4.54 5.66
HB1 DAL A 15 -6.90 2.04 7.20
HB2 DAL A 15 -8.45 2.50 6.50
HB3 DAL A 15 -7.82 3.36 7.90
N SER A 16 -6.78 1.95 4.59
CA SER A 16 -6.28 1.11 3.51
C SER A 16 -6.39 1.84 2.18
N HIS A 17 -7.52 2.48 1.98
CA HIS A 17 -7.78 3.24 0.74
C HIS A 17 -7.38 4.70 0.91
N DAL A 18 -6.63 4.99 1.97
CA DAL A 18 -6.20 6.34 2.25
CB DAL A 18 -7.41 7.24 2.46
C DAL A 18 -5.37 6.91 1.11
O DAL A 18 -5.49 8.09 0.76
H DAL A 18 -6.38 4.26 2.58
HA DAL A 18 -5.60 6.35 3.14
HB1 DAL A 18 -8.10 6.75 3.14
HB2 DAL A 18 -7.89 7.42 1.52
HB3 DAL A 18 -7.09 8.18 2.90
N PHE A 19 -4.53 6.07 0.54
CA PHE A 19 -3.66 6.46 -0.57
C PHE A 19 -3.39 5.29 -1.51
N TRP A 20 -2.58 5.56 -2.53
CA TRP A 20 -2.24 4.55 -3.54
C TRP A 20 -0.92 3.86 -3.20
N VAL A 21 -0.85 2.54 -3.42
CA VAL A 21 0.38 1.80 -3.15
C VAL A 21 0.75 0.94 -4.36
N GLN A 22 1.58 1.48 -5.24
CA GLN A 22 2.00 0.75 -6.44
C GLN A 22 3.38 0.16 -6.22
N VAL A 23 3.64 -0.99 -6.82
CA VAL A 23 4.95 -1.65 -6.67
C VAL A 23 5.37 -2.33 -7.97
N DPR A 24 6.66 -2.47 -8.22
CA DPR A 24 7.15 -3.14 -9.45
CB DPR A 24 8.63 -2.73 -9.52
CG DPR A 24 9.02 -2.55 -8.08
CD DPR A 24 7.78 -2.01 -7.36
C DPR A 24 6.39 -2.69 -10.69
O DPR A 24 6.65 -1.59 -11.21
HA DPR A 24 7.07 -4.21 -9.35
HB2 DPR A 24 9.21 -3.51 -9.98
HB3 DPR A 24 8.74 -1.81 -10.06
HG2 DPR A 24 9.32 -3.50 -7.66
HG3 DPR A 24 9.83 -1.84 -8.01
HD2 DPR A 24 7.71 -2.42 -6.37
HD3 DPR A 24 7.80 -0.93 -7.33
CAA 4G6 A 25 5.36 -3.69 -13.60
CAF 4G6 A 25 4.65 -3.21 -12.34
CAB 4G6 A 25 4.38 -1.71 -12.46
NAD 4G6 A 25 5.47 -3.50 -11.15
CAE 4G6 A 25 3.30 -3.94 -12.23
N 4G6 A 25 2.44 -3.29 -11.23
HAC 4G6 A 25 6.25 -3.09 -13.77
HAB 4G6 A 25 5.64 -4.74 -13.49
HAA 4G6 A 25 4.69 -3.59 -14.46
HAF 4G6 A 25 4.21 -1.28 -11.47
HAD 4G6 A 25 3.49 -1.55 -13.08
HAE 4G6 A 25 5.23 -1.22 -12.93
HAL 4G6 A 25 5.33 -4.37 -10.68
HAH 4G6 A 25 3.48 -4.97 -11.93
HAG 4G6 A 25 2.81 -3.92 -13.19
H 4G6 A 25 2.84 -2.63 -10.58
N LYS A 26 0.17 -3.67 -8.94
CA LYS A 26 0.37 -2.81 -10.12
C LYS A 26 1.18 -3.55 -11.18
N GLU A 27 -0.23 -4.36 -6.14
CA GLU A 27 0.81 -4.97 -7.00
C GLU A 27 1.17 -4.07 -8.18
N PHE A 28 -2.77 -2.18 -5.87
CA PHE A 28 -1.59 -2.63 -5.12
C PHE A 28 -0.49 -3.06 -6.10
N LYS A 29 -5.60 -0.75 -5.80
CA LYS A 29 -4.43 -0.62 -6.66
C LYS A 29 -3.17 -0.91 -5.85
N HIS A 30 -7.07 -1.72 -3.48
CA HIS A 30 -6.94 -0.30 -3.83
C HIS A 30 -5.68 -0.07 -4.65
C ACE A 31 -7.41 -2.61 -4.40
O ACE A 31 -7.65 -2.32 -5.57
CH3 ACE A 31 -7.50 -4.06 -3.92
H1 ACE A 31 -6.58 -4.33 -3.42
H2 ACE A 31 -7.67 -4.71 -4.76
H3 ACE A 31 -8.32 -4.16 -3.22
N NH2 A 1 -5.79 -0.88 5.48
HN1 NH2 A 1 -5.91 -0.64 4.54
HN2 NH2 A 1 -5.91 -0.21 6.17
N THR A 2 -3.89 -3.56 4.62
CA THR A 2 -5.29 -3.15 4.71
C THR A 2 -5.47 -2.11 5.80
N GLU A 3 -0.59 -2.29 3.85
CA GLU A 3 -1.51 -3.25 4.46
C GLU A 3 -2.91 -2.68 4.54
N ILE A 4 0.93 -1.32 1.05
CA ILE A 4 0.18 -0.74 2.16
C ILE A 4 -0.87 -1.71 2.69
N ARG A 5 4.17 -1.83 -0.32
CA ARG A 5 2.81 -2.32 -0.10
C ARG A 5 2.19 -1.73 1.16
N VAL A 6 6.94 -2.28 -2.49
CA VAL A 6 6.15 -1.35 -1.67
C VAL A 6 4.71 -1.89 -1.53
C7 4FU A 7 10.96 -3.43 -1.62
C8 4FU A 7 10.42 -3.27 -3.05
C9 4FU A 7 10.67 -1.86 -3.53
C11 4FU A 7 10.18 -1.71 -4.97
C12 4FU A 7 8.69 -2.02 -5.03
C13 4FU A 7 8.43 -3.42 -4.52
C14 4FU A 7 8.93 -3.56 -3.09
C 4FU A 7 8.17 -2.59 -2.18
O 4FU A 7 8.72 -2.11 -1.18
O1 4FU A 7 11.88 -2.73 -1.23
H8 4FU A 7 10.94 -3.96 -3.70
H9 4FU A 7 10.14 -1.16 -2.88
HAI 4FU A 7 11.74 -1.64 -3.50
H112 4FU A 7 10.72 -2.41 -5.61
H111 4FU A 7 10.36 -0.69 -5.30
HAG 4FU A 7 8.14 -1.30 -4.43
H12 4FU A 7 8.37 -1.94 -6.07
HAL 4FU A 7 8.96 -4.14 -5.16
HAK 4FU A 7 7.36 -3.64 -4.56
H14 4FU A 7 8.74 -4.58 -2.74
N GLY A 8 10.41 -4.34 -0.86
CA GLY A 8 10.87 -4.59 0.51
C GLY A 8 10.40 -3.52 1.49
N VAL A 9 9.78 -2.49 0.95
CA VAL A 9 9.28 -1.40 1.79
C VAL A 9 7.89 -1.75 2.30
N THR A 10 7.70 -1.70 3.63
CA THR A 10 6.41 -2.04 4.23
C THR A 10 5.92 -0.99 5.20
N ILE A 11 4.63 -1.05 5.47
CA ILE A 11 3.98 -0.12 6.39
C ILE A 11 2.66 -0.71 6.86
N ARG A 12 2.22 -0.31 8.05
CA ARG A 12 0.98 -0.80 8.63
C ARG A 12 0.15 0.30 9.30
N MET A 13 0.09 1.45 8.66
CA MET A 13 -0.68 2.58 9.21
C MET A 13 -2.13 2.51 8.72
N ARG A 14 -3.06 2.93 9.59
CA ARG A 14 -4.48 2.92 9.26
C ARG A 14 -4.82 4.23 8.54
N DAL A 15 -5.37 4.09 7.33
CA DAL A 15 -5.75 5.23 6.47
CB DAL A 15 -4.95 6.50 6.82
C DAL A 15 -7.24 5.56 6.56
O DAL A 15 -8.06 4.70 6.87
H DAL A 15 -5.53 3.18 6.99
HA DAL A 15 -5.54 4.97 5.44
HB1 DAL A 15 -5.38 6.97 7.69
HB2 DAL A 15 -4.97 7.18 6.00
HB3 DAL A 15 -3.92 6.22 7.03
N SER A 16 -7.57 6.81 6.28
CA SER A 16 -8.95 7.28 6.34
C SER A 16 -9.85 6.57 5.33
N HIS A 17 -9.31 6.35 4.14
CA HIS A 17 -10.08 5.69 3.08
C HIS A 17 -9.16 4.99 2.08
N DAL A 18 -8.13 4.33 2.59
CA DAL A 18 -7.19 3.62 1.74
CB DAL A 18 -6.06 3.03 2.61
C DAL A 18 -6.61 4.55 0.66
O DAL A 18 -7.16 5.62 0.40
H DAL A 18 -8.00 4.33 3.56
HA DAL A 18 -7.70 2.81 1.25
HB1 DAL A 18 -5.81 3.74 3.39
HB2 DAL A 18 -5.19 2.83 2.01
HB3 DAL A 18 -6.41 2.11 3.07
N PHE A 19 -5.52 4.11 0.04
CA PHE A 19 -4.86 4.89 -1.02
C PHE A 19 -4.35 3.96 -2.10
N TRP A 20 -3.69 4.52 -3.10
CA TRP A 20 -3.10 3.73 -4.18
C TRP A 20 -1.63 3.49 -3.93
N VAL A 21 -1.23 2.24 -4.14
CA VAL A 21 0.16 1.86 -3.97
C VAL A 21 0.55 0.95 -5.12
N GLN A 22 1.65 1.27 -5.77
CA GLN A 22 2.11 0.48 -6.92
C GLN A 22 3.61 0.24 -6.78
N VAL A 23 4.06 -0.99 -7.09
CA VAL A 23 5.47 -1.32 -6.98
C VAL A 23 6.19 -1.06 -8.31
N DPR A 24 7.16 -0.18 -8.38
CA DPR A 24 7.88 0.07 -9.66
CB DPR A 24 9.05 0.99 -9.28
CG DPR A 24 8.60 1.68 -8.03
CD DPR A 24 7.69 0.69 -7.29
C DPR A 24 6.94 0.70 -10.69
O DPR A 24 6.68 1.90 -10.63
HA DPR A 24 8.27 -0.86 -10.05
HB2 DPR A 24 9.94 0.41 -9.11
HB3 DPR A 24 9.22 1.72 -10.06
HG2 DPR A 24 9.46 1.91 -7.42
HG3 DPR A 24 8.06 2.57 -8.27
HD2 DPR A 24 8.25 0.11 -6.57
HD3 DPR A 24 6.88 1.22 -6.81
CAA 4G6 A 25 6.32 1.21 -13.70
CAF 4G6 A 25 5.53 0.42 -12.65
CAB 4G6 A 25 4.48 1.33 -12.03
NAD 4G6 A 25 6.46 -0.08 -11.61
CAE 4G6 A 25 4.83 -0.75 -13.33
N 4G6 A 25 4.66 -1.88 -12.42
HAC 4G6 A 25 5.66 1.45 -14.53
HAB 4G6 A 25 6.68 2.14 -13.26
HAA 4G6 A 25 7.15 0.62 -14.06
HAF 4G6 A 25 4.83 2.36 -12.03
HAD 4G6 A 25 4.28 1.02 -11.00
HAE 4G6 A 25 3.55 1.27 -12.61
HAL 4G6 A 25 6.70 -1.05 -11.61
HAH 4G6 A 25 5.42 -1.07 -14.20
HAG 4G6 A 25 3.85 -0.42 -13.68
H 4G6 A 25 5.39 -2.13 -11.79
N LYS A 26 2.03 -4.02 -11.19
CA LYS A 26 3.42 -3.75 -11.48
C LYS A 26 3.55 -2.57 -12.44
N GLU A 27 -0.42 -3.96 -8.53
CA GLU A 27 -0.05 -3.92 -9.94
C GLU A 27 1.42 -3.54 -10.10
N PHE A 28 -2.20 -3.04 -6.20
CA PHE A 28 -0.74 -3.09 -6.29
C PHE A 28 -0.31 -2.90 -7.75
N LYS A 29 -4.97 -2.49 -4.49
CA LYS A 29 -4.40 -2.09 -5.78
C LYS A 29 -2.87 -1.98 -5.73
N HIS A 30 -5.97 -3.69 -2.38
CA HIS A 30 -5.47 -2.34 -2.14
C HIS A 30 -4.75 -1.80 -3.39
C ACE A 31 -5.19 -4.62 -2.93
O ACE A 31 -4.03 -4.41 -3.28
CH3 ACE A 31 -5.83 -5.99 -3.12
H1 ACE A 31 -6.60 -6.13 -2.37
H2 ACE A 31 -5.07 -6.75 -3.00
H3 ACE A 31 -6.26 -6.06 -4.10
N NH2 A 1 0.57 -7.42 6.15
HN1 NH2 A 1 1.06 -6.59 6.32
HN2 NH2 A 1 0.63 -7.86 5.28
N THR A 2 -0.46 -5.81 8.34
CA THR A 2 -0.26 -7.26 8.46
C THR A 2 -0.16 -7.95 7.09
N GLU A 3 -1.21 -3.13 5.96
CA GLU A 3 -1.09 -3.70 7.30
C GLU A 3 -0.93 -5.22 7.24
N ILE A 4 -0.05 -1.68 3.34
CA ILE A 4 -0.85 -2.90 3.57
C ILE A 4 -0.54 -3.59 4.91
N ARG A 5 1.60 0.17 1.45
CA ARG A 5 0.48 0.49 2.32
C ARG A 5 -0.43 -0.75 2.45
N VAL A 6 4.53 1.43 -0.03
CA VAL A 6 3.88 0.30 0.64
C VAL A 6 2.78 0.76 1.60
C7 4FU A 7 7.36 3.14 0.58
C8 4FU A 7 6.45 3.61 -0.56
C9 4FU A 7 5.16 4.18 0.02
C11 4FU A 7 4.23 4.62 -1.10
C12 4FU A 7 3.94 3.45 -2.03
C13 4FU A 7 5.25 2.95 -2.63
C14 4FU A 7 6.18 2.47 -1.52
C 4FU A 7 5.55 1.25 -0.82
O 4FU A 7 6.02 0.14 -1.06
O1 4FU A 7 7.61 3.91 1.51
H8 4FU A 7 6.97 4.41 -1.09
H9 4FU A 7 4.67 3.43 0.65
HAI 4FU A 7 5.40 5.05 0.63
H112 4FU A 7 4.70 5.42 -1.66
H111 4FU A 7 3.29 4.98 -0.67
HAG 4FU A 7 3.46 2.64 -1.48
H12 4FU A 7 3.29 3.78 -2.83
HAL 4FU A 7 5.72 3.77 -3.16
HAK 4FU A 7 5.05 2.13 -3.31
H14 4FU A 7 7.12 2.15 -1.96
N GLY A 8 7.86 1.94 0.53
CA GLY A 8 8.75 1.45 1.59
C GLY A 8 8.85 -0.07 1.64
N VAL A 9 7.91 -0.77 1.02
CA VAL A 9 7.93 -2.23 1.07
C VAL A 9 7.93 -2.70 2.52
N THR A 10 6.80 -2.48 3.18
CA THR A 10 6.62 -2.85 4.59
C THR A 10 5.20 -3.32 4.86
N ILE A 11 4.83 -3.31 6.13
CA ILE A 11 3.49 -3.72 6.57
C ILE A 11 2.61 -2.51 6.87
N ARG A 12 3.18 -1.58 7.62
CA ARG A 12 2.50 -0.35 8.02
C ARG A 12 1.72 0.23 6.85
N MET A 13 0.76 1.10 7.17
CA MET A 13 -0.07 1.69 6.14
C MET A 13 -0.76 2.97 6.62
N ARG A 14 -1.50 3.59 5.71
CA ARG A 14 -2.23 4.82 6.01
C ARG A 14 -3.42 4.98 5.08
N DAL A 15 -4.20 6.04 5.28
CA DAL A 15 -5.37 6.33 4.44
CB DAL A 15 -5.37 7.81 4.08
C DAL A 15 -6.66 5.98 5.18
O DAL A 15 -6.77 4.93 5.81
H DAL A 15 -3.97 6.66 6.01
HA DAL A 15 -5.33 5.74 3.55
HB1 DAL A 15 -5.65 8.40 4.93
HB2 DAL A 15 -6.08 7.98 3.27
HB3 DAL A 15 -4.39 8.10 3.74
N SER A 16 -7.63 6.88 5.07
CA SER A 16 -8.93 6.67 5.70
C SER A 16 -9.65 5.50 5.07
N HIS A 17 -9.56 5.41 3.76
CA HIS A 17 -10.21 4.33 3.01
C HIS A 17 -9.66 4.25 1.59
N DAL A 18 -8.35 4.02 1.49
CA DAL A 18 -7.68 3.91 0.19
CB DAL A 18 -8.36 2.83 -0.67
C DAL A 18 -6.21 3.58 0.41
O DAL A 18 -5.51 4.28 1.15
H DAL A 18 -7.81 3.93 2.31
HA DAL A 18 -7.73 4.84 -0.32
HB1 DAL A 18 -9.31 3.19 -1.02
HB2 DAL A 18 -8.50 1.93 -0.10
HB3 DAL A 18 -7.73 2.61 -1.53
N PHE A 19 -5.74 2.52 -0.22
CA PHE A 19 -4.34 2.10 -0.08
C PHE A 19 -3.70 1.95 -1.45
N TRP A 20 -2.54 2.56 -1.65
CA TRP A 20 -1.82 2.50 -2.93
C TRP A 20 -0.38 2.06 -2.76
N VAL A 21 0.12 1.33 -3.75
CA VAL A 21 1.51 0.87 -3.74
C VAL A 21 1.90 0.44 -5.15
N GLN A 22 2.50 1.37 -5.89
CA GLN A 22 2.96 1.10 -7.25
C GLN A 22 4.45 0.81 -7.21
N VAL A 23 4.81 -0.48 -7.24
CA VAL A 23 6.23 -0.86 -7.16
C VAL A 23 6.52 -2.17 -7.91
N DPR A 24 7.75 -2.37 -8.36
CA DPR A 24 8.16 -3.64 -9.03
CB DPR A 24 9.44 -3.25 -9.78
CG DPR A 24 10.06 -2.20 -8.91
CD DPR A 24 8.89 -1.42 -8.29
C DPR A 24 7.11 -4.17 -10.00
O DPR A 24 7.03 -3.68 -11.12
HA DPR A 24 8.39 -4.39 -8.30
HB2 DPR A 24 10.09 -4.10 -9.88
HB3 DPR A 24 9.20 -2.83 -10.75
HG2 DPR A 24 10.66 -2.66 -8.13
HG3 DPR A 24 10.67 -1.53 -9.50
HD2 DPR A 24 9.12 -1.16 -7.27
HD3 DPR A 24 8.67 -0.54 -8.88
CAA 4G6 A 25 4.08 -6.08 -9.46
CAF 4G6 A 25 5.30 -5.81 -10.35
CAB 4G6 A 25 5.82 -7.15 -10.88
NAD 4G6 A 25 6.36 -5.15 -9.56
CAE 4G6 A 25 4.85 -4.97 -11.53
N 4G6 A 25 4.30 -3.67 -11.09
HAC 4G6 A 25 3.68 -7.07 -9.69
HAB 4G6 A 25 4.39 -6.05 -8.41
HAA 4G6 A 25 3.32 -5.33 -9.65
HAF 4G6 A 25 6.90 -7.12 -10.95
HAD 4G6 A 25 5.40 -7.34 -11.87
HAE 4G6 A 25 5.52 -7.95 -10.20
HAL 4G6 A 25 6.51 -5.48 -8.63
HAH 4G6 A 25 4.07 -5.50 -12.08
HAG 4G6 A 25 5.69 -4.79 -12.20
H 4G6 A 25 4.11 -3.49 -10.14
N LYS A 26 2.03 -1.67 -11.15
CA LYS A 26 3.44 -1.45 -11.48
C LYS A 26 4.05 -2.76 -11.98
N GLU A 27 -0.43 -1.90 -8.58
CA GLU A 27 0.07 -2.32 -9.88
C GLU A 27 1.59 -2.14 -9.98
N PHE A 28 -2.64 -1.72 -6.51
CA PHE A 28 -1.29 -2.21 -6.33
C PHE A 28 -0.74 -2.79 -7.63
N LYS A 29 -5.48 -0.91 -5.09
CA LYS A 29 -4.58 -0.35 -6.07
C LYS A 29 -3.14 -0.74 -5.76
N HIS A 30 -7.68 -3.43 -4.43
CA HIS A 30 -6.58 -2.67 -3.85
C HIS A 30 -5.59 -2.22 -4.93
C ACE A 31 -8.24 -3.07 -5.58
O ACE A 31 -7.87 -2.09 -6.24
CH3 ACE A 31 -9.39 -3.96 -6.08
H1 ACE A 31 -9.88 -3.47 -6.91
H2 ACE A 31 -10.09 -4.10 -5.28
H3 ACE A 31 -9.00 -4.91 -6.40
N NH2 A 1 -2.08 -2.13 14.09
HN1 NH2 A 1 -2.78 -1.47 13.90
HN2 NH2 A 1 -1.85 -2.35 15.03
N THR A 2 -1.11 -3.24 10.75
CA THR A 2 -1.81 -2.37 11.68
C THR A 2 -1.45 -2.72 13.12
N GLU A 3 -0.20 -3.53 7.21
CA GLU A 3 -0.36 -4.00 8.57
C GLU A 3 -1.14 -3.02 9.44
N ILE A 4 1.26 -4.56 4.06
CA ILE A 4 0.34 -3.76 4.86
C ILE A 4 0.20 -4.36 6.25
N ARG A 5 3.68 -4.16 1.35
CA ARG A 5 2.94 -4.93 2.34
C ARG A 5 2.00 -4.00 3.11
N VAL A 6 5.41 -4.38 -1.84
CA VAL A 6 4.72 -3.67 -0.76
C VAL A 6 3.95 -4.62 0.14
C7 4FU A 7 9.06 -5.83 -2.13
C8 4FU A 7 7.79 -6.10 -2.94
C9 4FU A 7 8.10 -6.95 -4.17
C11 4FU A 7 8.57 -6.12 -5.36
C12 4FU A 7 9.25 -4.83 -4.90
C13 4FU A 7 8.27 -3.97 -4.13
C14 4FU A 7 7.19 -4.79 -3.44
C 4FU A 7 6.56 -3.98 -2.31
O 4FU A 7 7.12 -2.98 -1.88
O1 4FU A 7 10.05 -6.54 -2.29
H8 4FU A 7 7.06 -6.62 -2.32
H9 4FU A 7 8.88 -7.66 -3.90
HAI 4FU A 7 7.20 -7.50 -4.45
H112 4FU A 7 7.71 -5.87 -5.98
H111 4FU A 7 9.27 -6.71 -5.94
HAG 4FU A 7 10.09 -5.09 -4.25
H12 4FU A 7 9.61 -4.30 -5.76
HAL 4FU A 7 7.79 -3.28 -4.82
HAK 4FU A 7 8.80 -3.40 -3.38
H14 4FU A 7 6.41 -5.02 -4.18
N GLY A 8 9.04 -4.83 -1.28
CA GLY A 8 10.24 -4.53 -0.47
C GLY A 8 9.96 -3.58 0.69
N VAL A 9 8.98 -2.69 0.52
CA VAL A 9 8.64 -1.72 1.58
C VAL A 9 7.36 -2.12 2.30
N THR A 10 7.17 -1.57 3.51
CA THR A 10 5.99 -1.87 4.32
C THR A 10 5.18 -0.60 4.59
N ILE A 11 3.88 -0.66 4.32
CA ILE A 11 2.99 0.50 4.52
C ILE A 11 2.13 0.33 5.78
N ARG A 12 2.22 1.30 6.67
CA ARG A 12 1.46 1.30 7.90
C ARG A 12 -0.03 1.49 7.61
N MET A 13 -0.85 1.34 8.65
CA MET A 13 -2.29 1.50 8.47
C MET A 13 -2.63 2.98 8.29
N ARG A 14 -2.83 3.37 7.03
CA ARG A 14 -3.16 4.75 6.71
C ARG A 14 -3.52 4.89 5.23
N DAL A 15 -4.71 5.38 4.95
CA DAL A 15 -5.15 5.56 3.56
CB DAL A 15 -4.28 6.60 2.86
C DAL A 15 -6.60 5.99 3.51
O DAL A 15 -7.36 5.76 4.46
H DAL A 15 -5.31 5.65 5.67
HA DAL A 15 -5.06 4.62 3.04
HB1 DAL A 15 -4.39 7.56 3.36
HB2 DAL A 15 -4.59 6.69 1.83
HB3 DAL A 15 -3.24 6.30 2.91
N SER A 16 -7.00 6.57 2.40
CA SER A 16 -8.39 6.99 2.23
C SER A 16 -9.19 5.79 1.77
N HIS A 17 -9.99 5.27 2.68
CA HIS A 17 -10.82 4.09 2.41
C HIS A 17 -10.13 3.13 1.44
N DAL A 18 -8.79 3.14 1.44
CA DAL A 18 -8.05 2.24 0.56
CB DAL A 18 -8.18 0.80 1.05
C DAL A 18 -6.58 2.66 0.47
O DAL A 18 -6.21 3.74 0.90
H DAL A 18 -8.30 3.73 2.05
HA DAL A 18 -8.48 2.30 -0.43
HB1 DAL A 18 -9.17 0.43 0.84
HB2 DAL A 18 -8.01 0.76 2.11
HB3 DAL A 18 -7.45 0.17 0.54
N PHE A 19 -5.76 1.79 -0.12
CA PHE A 19 -4.33 2.08 -0.31
C PHE A 19 -3.94 1.93 -1.78
N TRP A 20 -2.99 2.77 -2.20
CA TRP A 20 -2.49 2.74 -3.58
C TRP A 20 -1.00 2.50 -3.59
N VAL A 21 -0.55 1.67 -4.53
CA VAL A 21 0.88 1.39 -4.68
C VAL A 21 1.35 1.89 -6.03
N GLN A 22 2.66 1.92 -6.23
CA GLN A 22 3.23 2.37 -7.49
C GLN A 22 4.73 2.13 -7.53
N VAL A 23 5.14 0.91 -7.17
CA VAL A 23 6.56 0.56 -7.15
C VAL A 23 7.12 0.39 -8.57
N DPR A 24 8.39 0.68 -8.78
CA DPR A 24 9.03 0.52 -10.11
CB DPR A 24 10.31 1.35 -9.99
CG DPR A 24 10.68 1.25 -8.55
CD DPR A 24 9.35 1.19 -7.77
C DPR A 24 8.13 1.02 -11.24
O DPR A 24 7.99 2.23 -11.44
HA DPR A 24 9.29 -0.51 -10.28
HB2 DPR A 24 11.08 0.94 -10.63
HB3 DPR A 24 10.11 2.38 -10.25
HG2 DPR A 24 11.26 0.34 -8.38
HG3 DPR A 24 11.25 2.11 -8.24
HD2 DPR A 24 9.43 0.51 -6.93
HD3 DPR A 24 9.07 2.17 -7.44
CAA 4G6 A 25 7.47 0.81 -14.32
CAF 4G6 A 25 6.66 0.44 -13.08
CAB 4G6 A 25 5.74 1.61 -12.72
NAD 4G6 A 25 7.54 0.10 -11.96
CAE 4G6 A 25 5.78 -0.78 -13.43
N 4G6 A 25 5.26 -1.41 -12.21
HAC 4G6 A 25 6.81 1.20 -15.08
HAB 4G6 A 25 8.21 1.56 -14.04
HAA 4G6 A 25 7.98 -0.08 -14.69
HAF 4G6 A 25 4.85 1.58 -13.34
HAD 4G6 A 25 6.28 2.55 -12.87
HAE 4G6 A 25 5.46 1.53 -11.67
HAL 4G6 A 25 7.70 -0.86 -11.74
HAH 4G6 A 25 6.37 -1.50 -13.99
HAG 4G6 A 25 4.94 -0.44 -14.04
H 4G6 A 25 5.83 -1.46 -11.39
N LYS A 26 2.17 -2.19 -10.66
CA LYS A 26 3.57 -2.55 -10.89
C LYS A 26 4.05 -1.91 -12.19
N GLU A 27 -0.31 -1.77 -8.44
CA GLU A 27 0.29 -1.11 -9.60
C GLU A 27 1.80 -1.39 -9.68
N PHE A 28 -3.35 -2.76 -6.95
CA PHE A 28 -1.95 -3.10 -7.22
C PHE A 28 -1.46 -2.45 -8.51
N LYS A 29 -5.61 -1.44 -4.70
CA LYS A 29 -5.21 -1.42 -6.10
C LYS A 29 -3.69 -1.66 -6.26
N HIS A 30 -7.31 -2.84 -2.40
CA HIS A 30 -5.92 -2.38 -2.48
C HIS A 30 -5.41 -2.49 -3.91
C ACE A 31 -8.21 -2.50 -3.32
O ACE A 31 -7.95 -1.78 -4.29
CH3 ACE A 31 -9.62 -3.06 -3.13
H1 ACE A 31 -9.56 -4.14 -3.05
H2 ACE A 31 -10.23 -2.80 -3.97
H3 ACE A 31 -10.04 -2.66 -2.22
N NH2 A 1 -4.70 -8.00 7.83
HN1 NH2 A 1 -4.45 -8.93 7.69
HN2 NH2 A 1 -5.56 -7.67 7.50
N THR A 2 -1.54 -6.65 9.02
CA THR A 2 -2.55 -7.72 8.98
C THR A 2 -3.89 -7.19 8.46
N GLU A 3 -0.13 -3.97 7.00
CA GLU A 3 -0.39 -4.65 8.28
C GLU A 3 -1.51 -5.68 8.12
N ILE A 4 1.10 -4.71 3.74
CA ILE A 4 0.18 -3.93 4.57
C ILE A 4 -0.07 -4.68 5.88
N ARG A 5 3.71 -4.27 1.20
CA ARG A 5 2.84 -5.05 2.07
C ARG A 5 1.94 -4.13 2.88
N VAL A 6 6.05 -4.61 -1.60
CA VAL A 6 5.18 -3.88 -0.69
C VAL A 6 4.29 -4.82 0.13
C7 4FU A 7 9.79 -4.51 -1.45
C8 4FU A 7 9.42 -4.59 -2.93
C9 4FU A 7 9.81 -3.32 -3.68
C11 4FU A 7 9.67 -3.57 -5.18
C12 4FU A 7 8.64 -4.65 -5.49
C13 4FU A 7 7.48 -4.49 -4.53
C14 4FU A 7 7.93 -4.85 -3.12
C 4FU A 7 7.08 -4.02 -2.16
O 4FU A 7 7.34 -2.83 -1.96
O1 4FU A 7 10.81 -3.93 -1.09
H8 4FU A 7 9.98 -5.41 -3.37
H9 4FU A 7 9.15 -2.50 -3.38
HAI 4FU A 7 10.85 -3.05 -3.46
H112 4FU A 7 10.63 -3.88 -5.58
H111 4FU A 7 9.36 -2.64 -5.66
HAG 4FU A 7 8.29 -4.56 -6.52
H12 4FU A 7 9.10 -5.63 -5.35
HAL 4FU A 7 6.67 -5.14 -4.83
HAK 4FU A 7 7.14 -3.45 -4.54
H14 4FU A 7 7.73 -5.91 -2.95
N GLY A 8 9.00 -5.12 -0.61
CA GLY A 8 9.28 -5.14 0.83
C GLY A 8 9.02 -3.80 1.50
N VAL A 9 8.31 -2.93 0.82
CA VAL A 9 8.00 -1.61 1.39
C VAL A 9 6.80 -1.72 2.33
N THR A 10 7.02 -1.43 3.61
CA THR A 10 5.93 -1.53 4.57
C THR A 10 5.00 -0.32 4.47
N ILE A 11 3.73 -0.56 4.74
CA ILE A 11 2.71 0.49 4.69
C ILE A 11 1.90 0.50 5.98
N ARG A 12 1.91 1.64 6.69
CA ARG A 12 1.18 1.77 7.93
C ARG A 12 0.87 3.25 8.20
N MET A 13 0.69 4.02 7.14
CA MET A 13 0.39 5.45 7.26
C MET A 13 -0.96 5.78 6.65
N ARG A 14 -1.78 6.50 7.41
CA ARG A 14 -3.12 6.90 6.94
C ARG A 14 -3.78 5.79 6.15
N DAL A 15 -4.82 6.16 5.42
CA DAL A 15 -5.56 5.19 4.62
CB DAL A 15 -4.65 4.66 3.50
C DAL A 15 -6.80 5.81 4.01
O DAL A 15 -7.15 5.53 2.86
H DAL A 15 -5.10 7.10 5.44
HA DAL A 15 -5.86 4.37 5.24
HB1 DAL A 15 -4.63 5.37 2.68
HB2 DAL A 15 -5.03 3.72 3.14
HB3 DAL A 15 -3.65 4.52 3.88
N SER A 16 -7.48 6.66 4.78
CA SER A 16 -8.70 7.30 4.30
C SER A 16 -9.66 6.23 3.79
N HIS A 17 -9.47 5.03 4.32
CA HIS A 17 -10.28 3.87 3.95
C HIS A 17 -9.99 3.49 2.50
N DAL A 18 -8.70 3.29 2.21
CA DAL A 18 -8.27 2.93 0.87
CB DAL A 18 -8.71 1.49 0.55
C DAL A 18 -6.76 3.10 0.73
O DAL A 18 -6.21 4.11 1.18
H DAL A 18 -8.03 3.40 2.92
HA DAL A 18 -8.74 3.59 0.15
HB1 DAL A 18 -8.36 0.83 1.32
HB2 DAL A 18 -8.30 1.20 -0.40
HB3 DAL A 18 -9.79 1.45 0.51
N PHE A 19 -6.11 2.13 0.12
CA PHE A 19 -4.65 2.20 -0.09
C PHE A 19 -4.32 1.98 -1.56
N TRP A 20 -3.36 2.77 -2.06
CA TRP A 20 -2.92 2.66 -3.46
C TRP A 20 -1.42 2.50 -3.54
N VAL A 21 -0.98 1.58 -4.40
CA VAL A 21 0.45 1.32 -4.60
C VAL A 21 0.75 1.16 -6.08
N GLN A 22 1.85 1.75 -6.51
CA GLN A 22 2.27 1.69 -7.90
C GLN A 22 3.78 1.92 -8.04
N VAL A 23 4.55 1.01 -7.46
CA VAL A 23 6.01 1.11 -7.51
C VAL A 23 6.54 0.82 -8.92
N DPR A 24 7.77 1.23 -9.24
CA DPR A 24 8.35 1.00 -10.59
CB DPR A 24 9.62 1.87 -10.64
CG DPR A 24 9.62 2.67 -9.38
CD DPR A 24 8.74 1.93 -8.37
C DPR A 24 7.35 1.38 -11.68
O DPR A 24 6.99 2.54 -11.87
HA DPR A 24 8.62 -0.03 -10.69
HB2 DPR A 24 10.51 1.24 -10.68
HB3 DPR A 24 9.60 2.52 -11.50
HG2 DPR A 24 10.63 2.76 -9.00
HG3 DPR A 24 9.20 3.66 -9.56
HD2 DPR A 24 9.34 1.22 -7.80
HD3 DPR A 24 8.25 2.62 -7.72
CAA 4G6 A 25 6.17 -0.68 -14.48
CAF 4G6 A 25 5.94 0.45 -13.47
CAB 4G6 A 25 6.07 1.79 -14.20
NAD 4G6 A 25 6.93 0.34 -12.37
CAE 4G6 A 25 4.52 0.32 -12.90
N 4G6 A 25 4.52 -0.56 -11.73
HAC 4G6 A 25 6.70 -1.50 -14.00
HAB 4G6 A 25 5.21 -1.03 -14.85
HAA 4G6 A 25 6.76 -0.30 -15.32
HAF 4G6 A 25 7.11 2.11 -14.19
HAD 4G6 A 25 5.45 2.54 -13.69
HAE 4G6 A 25 5.73 1.68 -15.22
HAL 4G6 A 25 7.26 -0.56 -12.13
HAH 4G6 A 25 3.87 -0.10 -13.66
HAG 4G6 A 25 4.17 1.30 -12.62
H 4G6 A 25 4.41 -0.17 -10.81
N LYS A 26 3.29 -3.19 -10.36
CA LYS A 26 4.64 -2.73 -10.62
C LYS A 26 4.65 -1.85 -11.88
N GLU A 27 0.33 -2.72 -8.23
CA GLU A 27 1.11 -3.29 -9.33
C GLU A 27 2.50 -2.64 -9.43
N PHE A 28 -2.27 -2.71 -6.39
CA PHE A 28 -0.83 -2.69 -6.11
C PHE A 28 -0.01 -3.43 -7.16
N LYS A 29 -5.36 -2.03 -5.37
CA LYS A 29 -4.52 -1.82 -6.57
C LYS A 29 -3.04 -1.64 -6.22
N HIS A 30 -7.33 -2.23 -3.66
CA HIS A 30 -6.04 -1.85 -3.09
C HIS A 30 -5.03 -1.55 -4.18
C ACE A 31 -8.01 -1.39 -4.42
O ACE A 31 -7.62 -0.26 -4.69
CH3 ACE A 31 -9.35 -1.90 -4.95
H1 ACE A 31 -9.17 -2.52 -5.83
H2 ACE A 31 -9.97 -1.06 -5.23
H3 ACE A 31 -9.84 -2.48 -4.19
N NH2 A 1 -4.69 -6.43 6.52
HN1 NH2 A 1 -4.30 -7.15 7.06
HN2 NH2 A 1 -5.14 -6.65 5.67
N THR A 2 -2.97 -3.82 8.08
CA THR A 2 -3.94 -4.88 8.25
C THR A 2 -4.64 -5.19 6.93
N GLU A 3 -0.75 -2.39 6.30
CA GLU A 3 -0.76 -2.86 7.69
C GLU A 3 -1.68 -4.08 7.84
N ILE A 4 0.10 -3.33 2.97
CA ILE A 4 -0.79 -2.59 3.88
C ILE A 4 -0.81 -3.23 5.27
N ARG A 5 3.45 -3.09 1.51
CA ARG A 5 2.16 -3.72 1.74
C ARG A 5 1.33 -2.90 2.71
N VAL A 6 6.26 -3.21 -0.77
CA VAL A 6 5.47 -2.57 0.28
C VAL A 6 4.15 -3.33 0.42
C7 4FU A 7 9.75 -4.45 -0.55
C8 4FU A 7 9.62 -3.74 -1.90
C9 4FU A 7 10.34 -2.39 -1.83
C11 4FU A 7 10.19 -1.66 -3.15
C12 4FU A 7 8.72 -1.46 -3.48
C13 4FU A 7 8.03 -2.81 -3.57
C14 4FU A 7 8.15 -3.54 -2.24
C 4FU A 7 7.43 -2.76 -1.14
O 4FU A 7 7.95 -1.76 -0.63
O1 4FU A 7 10.25 -5.57 -0.48
H8 4FU A 7 10.09 -4.34 -2.67
H9 4FU A 7 9.91 -1.80 -1.03
HAI 4FU A 7 11.39 -2.56 -1.63
H112 4FU A 7 10.66 -2.25 -3.95
H111 4FU A 7 10.69 -0.69 -3.08
HAG 4FU A 7 8.25 -0.86 -2.71
H12 4FU A 7 8.65 -0.94 -4.43
HAL 4FU A 7 8.51 -3.40 -4.35
HAK 4FU A 7 6.98 -2.68 -3.82
H14 4FU A 7 7.68 -4.52 -2.33
N GLY A 8 9.33 -3.78 0.46
CA GLY A 8 9.38 -4.30 1.83
C GLY A 8 9.52 -3.16 2.82
N VAL A 9 9.31 -1.95 2.31
CA VAL A 9 9.42 -0.74 3.12
C VAL A 9 8.55 -0.86 4.37
N THR A 10 8.38 0.27 5.07
CA THR A 10 7.57 0.27 6.29
C THR A 10 6.29 -0.53 6.09
N ILE A 11 5.61 -0.81 7.20
CA ILE A 11 4.37 -1.59 7.20
C ILE A 11 3.13 -0.71 7.34
N ARG A 12 3.23 0.26 8.24
CA ARG A 12 2.12 1.17 8.52
C ARG A 12 1.83 2.10 7.35
N MET A 13 1.83 1.55 6.14
CA MET A 13 1.55 2.36 4.94
C MET A 13 0.11 2.05 4.50
N ARG A 14 -0.73 3.09 4.47
CA ARG A 14 -2.13 2.93 4.07
C ARG A 14 -2.35 3.57 2.71
N DAL A 15 -3.11 4.64 2.71
CA DAL A 15 -3.40 5.37 1.47
CB DAL A 15 -2.18 6.20 1.05
C DAL A 15 -4.59 6.29 1.67
O DAL A 15 -5.44 6.05 2.53
H DAL A 15 -3.48 4.95 3.55
HA DAL A 15 -3.63 4.67 0.70
HB1 DAL A 15 -2.09 7.05 1.71
HB2 DAL A 15 -2.32 6.53 0.04
HB3 DAL A 15 -1.30 5.59 1.12
N SER A 16 -4.66 7.34 0.87
CA SER A 16 -5.76 8.29 0.96
C SER A 16 -7.08 7.60 0.64
N HIS A 17 -7.06 6.81 -0.42
CA HIS A 17 -8.26 6.08 -0.85
C HIS A 17 -8.59 4.99 0.16
N DAL A 18 -7.56 4.35 0.66
CA DAL A 18 -7.72 3.27 1.63
CB DAL A 18 -8.03 3.84 3.01
C DAL A 18 -6.42 2.45 1.69
O DAL A 18 -5.33 3.01 1.69
H DAL A 18 -6.67 4.63 0.37
HA DAL A 18 -8.52 2.63 1.32
HB1 DAL A 18 -7.28 4.58 3.28
HB2 DAL A 18 -8.02 3.05 3.74
HB3 DAL A 18 -9.00 4.31 3.00
N PHE A 19 -6.56 1.12 1.74
CA PHE A 19 -5.40 0.23 1.80
C PHE A 19 -5.09 -0.42 0.45
N TRP A 20 -3.92 -0.11 -0.10
CA TRP A 20 -3.54 -0.64 -1.41
C TRP A 20 -2.03 -0.90 -1.49
N VAL A 21 -1.57 -1.37 -2.67
CA VAL A 21 -0.14 -1.62 -2.89
C VAL A 21 0.29 -0.98 -4.21
N GLN A 22 1.14 0.05 -4.14
CA GLN A 22 1.58 0.77 -5.34
C GLN A 22 3.07 1.07 -5.28
N VAL A 23 3.84 0.63 -6.30
CA VAL A 23 5.29 0.85 -6.31
C VAL A 23 5.89 0.87 -7.72
N DPR A 24 7.02 1.51 -7.92
CA DPR A 24 7.73 1.52 -9.23
CB DPR A 24 8.54 2.81 -9.17
CG DPR A 24 8.93 2.94 -7.73
CD DPR A 24 7.76 2.35 -6.93
C DPR A 24 6.81 1.49 -10.44
O DPR A 24 6.22 2.51 -10.80
HA DPR A 24 8.42 0.68 -9.28
HB2 DPR A 24 9.42 2.74 -9.80
HB3 DPR A 24 7.93 3.64 -9.47
HG2 DPR A 24 9.84 2.37 -7.55
HG3 DPR A 24 9.08 3.97 -7.47
HD2 DPR A 24 8.13 1.75 -6.11
HD3 DPR A 24 7.13 3.15 -6.56
CAA 4G6 A 25 5.13 -1.26 -12.03
CAF 4G6 A 25 5.92 0.03 -12.24
CAB 4G6 A 25 6.83 -0.15 -13.45
NAD 4G6 A 25 6.73 0.32 -11.03
CAE 4G6 A 25 4.92 1.15 -12.53
N 4G6 A 25 3.97 1.34 -11.43
HAC 4G6 A 25 4.29 -1.07 -11.36
HAB 4G6 A 25 4.75 -1.61 -12.98
HAA 4G6 A 25 5.78 -2.01 -11.59
HAF 4G6 A 25 7.78 0.36 -13.27
HAD 4G6 A 25 6.35 0.27 -14.33
HAE 4G6 A 25 7.02 -1.21 -13.60
HAL 4G6 A 25 7.27 -0.43 -10.66
HAH 4G6 A 25 4.36 0.90 -13.44
HAG 4G6 A 25 5.47 2.08 -12.71
H 4G6 A 25 4.27 1.28 -10.48
N LYS A 26 0.92 0.67 -10.35
CA LYS A 26 1.79 1.82 -10.51
C LYS A 26 2.73 1.62 -11.69
N GLU A 27 -1.01 -0.95 -9.22
CA GLU A 27 0.21 -1.56 -9.75
C GLU A 27 1.30 -0.50 -9.82
N PHE A 28 -3.99 -1.61 -7.43
CA PHE A 28 -2.91 -0.69 -7.73
C PHE A 28 -1.66 -1.47 -8.18
N LYS A 29 -5.98 -3.06 -5.19
CA LYS A 29 -5.14 -3.44 -6.31
C LYS A 29 -3.93 -2.50 -6.45
N HIS A 30 -8.45 -3.35 -3.47
CA HIS A 30 -7.07 -3.34 -3.02
C HIS A 30 -6.13 -3.85 -4.12
C ACE A 31 -8.93 -4.36 -4.19
O ACE A 31 -8.25 -5.33 -4.53
CH3 ACE A 31 -10.39 -4.26 -4.60
H1 ACE A 31 -10.65 -3.23 -4.75
H2 ACE A 31 -11.01 -4.68 -3.82
H3 ACE A 31 -10.55 -4.81 -5.52
N NH2 A 1 -0.68 -5.99 9.29
HN1 NH2 A 1 0.03 -6.67 9.36
HN2 NH2 A 1 -0.81 -5.35 10.02
N THR A 2 -0.11 -6.59 6.29
CA THR A 2 -1.24 -6.97 7.12
C THR A 2 -1.45 -5.96 8.24
N GLU A 3 0.93 -4.03 3.91
CA GLU A 3 1.06 -5.31 4.60
C GLU A 3 -0.20 -5.61 5.40
N ILE A 4 1.00 -2.46 1.15
CA ILE A 4 0.03 -2.51 2.24
C ILE A 4 0.07 -3.88 2.91
N ARG A 5 4.11 -0.84 0.15
CA ARG A 5 3.07 -1.87 0.03
C ARG A 5 2.15 -1.81 1.26
N VAL A 6 6.06 1.37 -1.28
CA VAL A 6 5.13 1.33 -0.14
C VAL A 6 3.96 0.36 -0.38
C7 4FU A 7 10.34 1.12 -1.07
C8 4FU A 7 9.52 1.87 -2.11
C9 4FU A 7 9.22 3.29 -1.65
C11 4FU A 7 8.47 4.04 -2.74
C12 4FU A 7 7.17 3.31 -3.07
C13 4FU A 7 7.47 1.88 -3.50
C14 4FU A 7 8.21 1.15 -2.39
C 4FU A 7 7.33 1.09 -1.14
O 4FU A 7 7.81 0.77 -0.05
O1 4FU A 7 11.29 0.41 -1.40
H8 4FU A 7 10.10 1.93 -3.03
H9 4FU A 7 8.63 3.26 -0.74
HAI 4FU A 7 10.16 3.82 -1.45
H112 4FU A 7 9.08 4.09 -3.64
H111 4FU A 7 8.24 5.05 -2.39
HAG 4FU A 7 6.52 3.30 -2.20
H12 4FU A 7 6.67 3.83 -3.88
HAL 4FU A 7 8.09 1.91 -4.40
HAK 4FU A 7 6.54 1.36 -3.72
H14 4FU A 7 8.42 0.13 -2.70
N GLY A 8 9.98 1.27 0.16
CA GLY A 8 10.66 0.59 1.25
C GLY A 8 9.91 0.73 2.56
N VAL A 9 8.82 -0.01 2.67
CA VAL A 9 7.98 0.00 3.87
C VAL A 9 8.06 -1.36 4.58
N THR A 10 8.02 -1.36 5.92
CA THR A 10 8.11 -2.63 6.69
C THR A 10 6.81 -2.96 7.44
N ILE A 11 5.77 -2.22 7.13
CA ILE A 11 4.44 -2.47 7.73
C ILE A 11 3.33 -1.98 6.80
N ARG A 12 2.22 -1.55 7.40
CA ARG A 12 1.07 -1.08 6.63
C ARG A 12 1.19 0.38 6.17
N MET A 13 0.12 0.88 5.54
CA MET A 13 0.08 2.26 5.04
C MET A 13 -1.23 2.92 5.45
N ARG A 14 -1.17 4.21 5.75
CA ARG A 14 -2.36 4.96 6.15
C ARG A 14 -3.14 5.40 4.92
N DAL A 15 -4.34 5.94 5.15
CA DAL A 15 -5.19 6.41 4.07
CB DAL A 15 -4.51 7.57 3.33
C DAL A 15 -6.53 6.87 4.61
O DAL A 15 -6.93 6.48 5.72
H DAL A 15 -4.64 6.03 6.07
HA DAL A 15 -5.36 5.60 3.37
HB1 DAL A 15 -3.55 7.25 2.96
HB2 DAL A 15 -4.39 8.40 4.01
HB3 DAL A 15 -5.13 7.88 2.50
N SER A 16 -7.22 7.71 3.86
CA SER A 16 -8.51 8.22 4.29
C SER A 16 -9.51 7.09 4.46
N HIS A 17 -9.58 6.24 3.45
CA HIS A 17 -10.48 5.09 3.47
C HIS A 17 -10.03 4.02 2.48
N DAL A 18 -8.76 4.07 2.10
CA DAL A 18 -8.21 3.10 1.15
CB DAL A 18 -8.66 1.68 1.53
C DAL A 18 -6.69 3.17 1.13
O DAL A 18 -6.09 4.05 1.76
H DAL A 18 -8.18 4.77 2.46
HA DAL A 18 -8.58 3.33 0.16
HB1 DAL A 18 -9.61 1.46 1.08
HB2 DAL A 18 -8.75 1.60 2.60
HB3 DAL A 18 -7.93 0.95 1.18
N PHE A 19 -6.06 2.26 0.41
CA PHE A 19 -4.61 2.20 0.30
C PHE A 19 -4.18 1.70 -1.08
N TRP A 20 -2.95 2.03 -1.47
CA TRP A 20 -2.43 1.62 -2.79
C TRP A 20 -1.17 0.76 -2.67
N VAL A 21 -1.07 -0.34 -3.47
CA VAL A 21 0.17 -1.15 -3.43
C VAL A 21 0.87 -0.93 -4.77
N GLN A 22 1.97 -0.18 -4.74
CA GLN A 22 2.73 0.11 -5.97
C GLN A 22 4.18 -0.33 -5.82
N VAL A 23 4.44 -1.58 -6.17
CA VAL A 23 5.80 -2.14 -6.06
C VAL A 23 6.71 -1.44 -7.08
N DPR A 24 7.88 -0.99 -6.69
CA DPR A 24 8.80 -0.32 -7.64
CB DPR A 24 9.82 0.38 -6.72
CG DPR A 24 9.87 -0.49 -5.51
CD DPR A 24 8.46 -1.07 -5.33
C DPR A 24 8.04 0.70 -8.51
O DPR A 24 7.69 1.78 -8.04
HA DPR A 24 9.29 -1.04 -8.26
HB2 DPR A 24 10.79 0.42 -7.21
HB3 DPR A 24 9.48 1.37 -6.46
HG2 DPR A 24 10.58 -1.29 -5.65
HG3 DPR A 24 10.14 0.10 -4.64
HD2 DPR A 24 8.51 -2.09 -4.99
HD3 DPR A 24 7.88 -0.46 -4.64
CAA 4G6 A 25 7.21 0.72 -12.11
CAF 4G6 A 25 7.05 1.23 -10.67
CAB 4G6 A 25 7.61 2.65 -10.59
NAD 4G6 A 25 7.79 0.34 -9.74
CAE 4G6 A 25 5.57 1.25 -10.31
N 4G6 A 25 4.98 -0.09 -10.45
HAC 4G6 A 25 6.35 1.05 -12.69
HAB 4G6 A 25 8.13 1.12 -12.54
HAA 4G6 A 25 7.26 -0.37 -12.11
HAF 4G6 A 25 8.60 2.63 -10.12
HAD 4G6 A 25 6.94 3.27 -10.00
HAE 4G6 A 25 7.70 3.06 -11.60
HAL 4G6 A 25 8.10 -0.55 -10.07
HAH 4G6 A 25 5.05 1.94 -10.98
HAG 4G6 A 25 5.46 1.59 -9.28
H 4G6 A 25 5.57 -0.89 -10.60
N LYS A 26 1.70 -1.70 -10.34
CA LYS A 26 3.15 -1.68 -10.52
C LYS A 26 3.69 -0.25 -10.37
N GLU A 27 -0.91 -3.05 -8.19
CA GLU A 27 -0.40 -2.07 -9.16
C GLU A 27 1.13 -2.11 -9.20
N PHE A 28 -3.79 -4.66 -6.99
CA PHE A 28 -2.37 -4.79 -7.33
C PHE A 28 -1.98 -3.82 -8.44
N LYS A 29 -6.22 -2.42 -5.59
CA LYS A 29 -5.73 -3.76 -5.84
C LYS A 29 -4.22 -3.77 -6.10
N HIS A 30 -9.22 -0.56 -4.60
CA HIS A 30 -7.80 -0.72 -4.91
C HIS A 30 -7.44 -2.19 -5.12
C ACE A 31 -10.14 -0.54 -5.57
O ACE A 31 -9.87 -0.67 -6.76
CH3 ACE A 31 -11.59 -0.35 -5.11
H1 ACE A 31 -11.80 0.70 -5.04
H2 ACE A 31 -11.73 -0.82 -4.15
H3 ACE A 31 -12.25 -0.81 -5.83
N NH2 A 1 -8.33 -5.36 4.83
HN1 NH2 A 1 -8.06 -5.20 3.90
HN2 NH2 A 1 -9.20 -5.01 5.14
N THR A 2 -5.14 -6.12 6.03
CA THR A 2 -6.21 -6.53 5.14
C THR A 2 -7.55 -6.01 5.64
N GLU A 3 -2.10 -4.14 6.17
CA GLU A 3 -3.25 -4.78 6.79
C GLU A 3 -4.33 -5.09 5.76
N ILE A 4 0.48 -4.69 3.74
CA ILE A 4 -0.42 -3.79 4.47
C ILE A 4 -1.63 -4.55 5.00
N ARG A 5 2.97 -5.08 1.74
CA ARG A 5 2.67 -5.59 3.09
C ARG A 5 1.81 -4.58 3.86
N VAL A 6 4.94 -5.32 -1.08
CA VAL A 6 3.57 -5.16 -0.61
C VAL A 6 3.32 -5.87 0.72
C7 4FU A 7 7.86 -2.45 -1.63
C8 4FU A 7 8.02 -3.96 -1.46
C9 4FU A 7 9.39 -4.38 -1.98
C11 4FU A 7 9.54 -4.03 -3.44
C12 4FU A 7 8.46 -4.73 -4.25
C13 4FU A 7 7.09 -4.32 -3.74
C14 4FU A 7 6.96 -4.70 -2.28
C 4FU A 7 5.54 -4.39 -1.79
O 4FU A 7 4.99 -3.33 -2.10
O1 4FU A 7 8.79 -1.76 -2.05
H8 4FU A 7 7.92 -4.23 -0.42
H9 4FU A 7 10.16 -3.85 -1.39
HAI 4FU A 7 9.52 -5.45 -1.84
H112 4FU A 7 10.53 -4.36 -3.80
H111 4FU A 7 9.46 -2.95 -3.57
HAG 4FU A 7 8.55 -4.45 -5.30
H12 4FU A 7 8.59 -5.80 -4.16
HAL 4FU A 7 6.33 -4.84 -4.33
HAK 4FU A 7 6.95 -3.24 -3.87
H14 4FU A 7 7.12 -5.77 -2.18
N GLY A 8 6.71 -1.92 -1.31
CA GLY A 8 6.47 -0.48 -1.45
C GLY A 8 5.62 0.08 -0.34
N VAL A 9 4.84 -0.79 0.30
CA VAL A 9 3.95 -0.34 1.39
C VAL A 9 4.17 -1.18 2.65
N THR A 10 4.32 -0.49 3.79
CA THR A 10 4.53 -1.16 5.07
C THR A 10 3.18 -1.49 5.70
N ILE A 11 3.20 -1.79 6.99
CA ILE A 11 1.97 -2.15 7.70
C ILE A 11 0.94 -1.02 7.67
N ARG A 12 1.37 0.20 8.00
CA ARG A 12 0.47 1.33 8.02
C ARG A 12 1.23 2.66 7.95
N MET A 13 0.85 3.53 7.01
CA MET A 13 1.47 4.84 6.88
C MET A 13 0.72 5.71 5.88
N ARG A 14 0.96 7.01 5.91
CA ARG A 14 0.30 7.92 4.98
C ARG A 14 -1.20 7.72 4.98
N DAL A 15 -1.71 7.38 3.82
CA DAL A 15 -3.15 7.17 3.64
CB DAL A 15 -3.88 8.52 3.64
C DAL A 15 -3.71 6.29 4.74
O DAL A 15 -3.03 5.42 5.27
H DAL A 15 -1.11 7.31 3.05
HA DAL A 15 -3.34 6.69 2.70
HB1 DAL A 15 -4.89 8.39 3.30
HB2 DAL A 15 -3.37 9.20 2.98
HB3 DAL A 15 -3.88 8.92 4.65
N SER A 16 -4.96 6.54 5.08
CA SER A 16 -5.66 5.80 6.12
C SER A 16 -6.86 5.09 5.53
N HIS A 17 -7.14 5.37 4.27
CA HIS A 17 -8.29 4.76 3.57
C HIS A 17 -7.94 4.38 2.14
N DAL A 18 -6.63 4.29 1.84
CA DAL A 18 -6.18 3.90 0.50
CB DAL A 18 -6.80 2.56 0.07
C DAL A 18 -4.66 3.81 0.47
O DAL A 18 -3.97 4.72 0.93
H DAL A 18 -5.97 4.46 2.54
HA DAL A 18 -6.49 4.65 -0.21
HB1 DAL A 18 -7.87 2.66 -0.06
HB2 DAL A 18 -6.62 1.81 0.83
HB3 DAL A 18 -6.38 2.23 -0.86
N PHE A 19 -4.14 2.73 -0.09
CA PHE A 19 -2.70 2.53 -0.21
C PHE A 19 -2.37 1.94 -1.56
N TRP A 20 -1.47 2.58 -2.31
CA TRP A 20 -1.07 2.07 -3.62
C TRP A 20 0.22 1.29 -3.52
N VAL A 21 0.31 0.25 -4.33
CA VAL A 21 1.50 -0.58 -4.34
C VAL A 21 1.68 -1.20 -5.71
N GLN A 22 2.83 -1.86 -5.89
CA GLN A 22 3.24 -2.53 -7.13
C GLN A 22 4.53 -1.93 -7.71
N VAL A 23 4.57 -0.62 -7.90
CA VAL A 23 5.76 0.04 -8.44
C VAL A 23 5.91 1.45 -7.86
N DPR A 24 6.53 1.59 -6.70
CA DPR A 24 6.70 2.92 -6.04
CB DPR A 24 7.84 2.67 -5.06
CG DPR A 24 7.62 1.26 -4.63
CD DPR A 24 7.12 0.51 -5.87
C DPR A 24 5.44 3.38 -5.32
O DPR A 24 5.08 2.84 -4.27
HA DPR A 24 7.01 3.66 -6.76
HB2 DPR A 24 8.79 2.77 -5.55
HB3 DPR A 24 7.78 3.34 -4.21
HG2 DPR A 24 8.55 0.84 -4.27
HG3 DPR A 24 6.87 1.23 -3.86
HD2 DPR A 24 7.96 0.05 -6.38
HD3 DPR A 24 6.38 -0.22 -5.61
CAA 4G6 A 25 3.25 6.27 -5.92
CAF 4G6 A 25 3.53 4.89 -5.32
CAB 4G6 A 25 3.64 5.02 -3.81
NAD 4G6 A 25 4.78 4.35 -5.90
CAE 4G6 A 25 2.36 3.97 -5.67
N 4G6 A 25 2.43 3.55 -7.08
HAC 4G6 A 25 3.30 6.23 -7.00
HAB 4G6 A 25 2.25 6.59 -5.62
HAA 4G6 A 25 3.98 6.98 -5.54
HAF 4G6 A 25 4.68 5.09 -3.52
HAD 4G6 A 25 3.19 4.13 -3.33
HAE 4G6 A 25 3.11 5.91 -3.48
HAL 4G6 A 25 5.13 4.74 -6.75
HAH 4G6 A 25 1.42 4.49 -5.50
HAG 4G6 A 25 2.40 3.09 -5.03
H 4G6 A 25 3.32 3.26 -7.46
N LYS A 26 0.65 2.11 -9.71
CA LYS A 26 1.58 3.14 -9.28
C LYS A 26 1.37 3.57 -7.83
N GLU A 27 -1.43 -0.54 -8.77
CA GLU A 27 -0.38 -0.09 -9.72
C GLU A 27 0.59 0.92 -9.10
N PHE A 28 -3.51 -1.90 -7.47
CA PHE A 28 -3.63 -0.45 -7.61
C PHE A 28 -2.58 0.13 -8.59
N LYS A 29 -3.55 -4.48 -5.76
CA LYS A 29 -2.66 -4.03 -6.81
C LYS A 29 -2.52 -2.50 -6.84
N HIS A 30 -4.26 -5.83 -3.24
CA HIS A 30 -4.65 -4.46 -3.60
C HIS A 30 -3.65 -3.86 -4.58
C ACE A 31 -5.16 -6.81 -3.17
O ACE A 31 -6.36 -6.65 -3.38
CH3 ACE A 31 -4.63 -8.19 -2.78
H1 ACE A 31 -5.15 -8.55 -1.90
H2 ACE A 31 -3.58 -8.12 -2.57
H3 ACE A 31 -4.78 -8.88 -3.60
N NH2 A 1 -4.05 2.90 5.34
HN1 NH2 A 1 -3.74 3.68 5.85
HN2 NH2 A 1 -4.93 2.91 4.92
N THR A 2 -1.39 0.50 5.90
CA THR A 2 -1.91 1.85 5.86
C THR A 2 -3.29 1.86 5.21
N GLU A 3 -0.93 -2.10 5.08
CA GLU A 3 -1.45 -1.88 6.41
C GLU A 3 -2.09 -0.50 6.46
N ILE A 4 0.47 -3.93 2.77
CA ILE A 4 -0.78 -3.13 2.88
C ILE A 4 -1.38 -3.09 4.29
N ARG A 5 3.79 -3.74 1.22
CA ARG A 5 2.78 -4.37 2.09
C ARG A 5 1.55 -3.46 2.14
N VAL A 6 5.77 -4.32 -1.73
CA VAL A 6 5.11 -3.42 -0.80
C VAL A 6 4.02 -4.16 -0.02
C7 4FU A 7 9.11 -5.65 -1.65
C8 4FU A 7 8.93 -5.16 -3.09
C9 4FU A 7 9.68 -3.86 -3.28
C11 4FU A 7 9.51 -3.38 -4.71
C12 4FU A 7 8.03 -3.16 -5.00
C13 4FU A 7 7.27 -4.47 -4.80
C14 4FU A 7 7.45 -4.95 -3.37
C 4FU A 7 6.84 -3.94 -2.41
O 4FU A 7 7.31 -2.81 -2.29
O1 4FU A 7 9.57 -6.77 -1.40
H8 4FU A 7 9.32 -5.92 -3.76
H9 4FU A 7 9.32 -3.11 -2.59
HAI 4FU A 7 10.74 -4.03 -3.10
H112 4FU A 7 9.90 -4.12 -5.40
H111 4FU A 7 10.05 -2.44 -4.84
HAG 4FU A 7 7.63 -2.40 -4.32
H12 4FU A 7 7.92 -2.83 -6.03
HAL 4FU A 7 7.67 -5.21 -5.49
HAK 4FU A 7 6.22 -4.31 -5.01
H14 4FU A 7 6.92 -5.91 -3.25
N GLY A 8 8.77 -4.82 -0.72
CA GLY A 8 8.91 -5.13 0.70
C GLY A 8 9.01 -3.85 1.53
N VAL A 9 8.76 -2.74 0.87
CA VAL A 9 8.82 -1.44 1.53
C VAL A 9 7.76 -1.35 2.62
N THR A 10 8.14 -0.85 3.80
CA THR A 10 7.20 -0.75 4.90
C THR A 10 6.11 0.27 4.62
N ILE A 11 5.01 0.12 5.34
CA ILE A 11 3.85 1.00 5.18
C ILE A 11 2.79 0.63 6.22
N ARG A 12 3.20 0.80 7.48
CA ARG A 12 2.37 0.51 8.63
C ARG A 12 1.13 1.41 8.71
N MET A 13 0.84 1.89 9.91
CA MET A 13 -0.32 2.76 10.17
C MET A 13 -1.57 2.29 9.44
N ARG A 14 -2.60 3.15 9.42
CA ARG A 14 -3.89 2.84 8.79
C ARG A 14 -4.34 3.93 7.81
N DAL A 15 -5.54 3.75 7.26
CA DAL A 15 -6.14 4.69 6.30
CB DAL A 15 -5.66 6.13 6.58
C DAL A 15 -7.66 4.63 6.41
O DAL A 15 -8.20 3.83 7.18
H DAL A 15 -6.05 2.94 7.50
HA DAL A 15 -5.86 4.41 5.30
HB1 DAL A 15 -6.39 6.84 6.21
HB2 DAL A 15 -4.72 6.30 6.09
HB3 DAL A 15 -5.54 6.27 7.64
N SER A 16 -8.34 5.47 5.64
CA SER A 16 -9.80 5.50 5.67
C SER A 16 -10.37 4.14 5.28
N HIS A 17 -9.84 3.57 4.23
CA HIS A 17 -10.32 2.27 3.76
C HIS A 17 -9.38 1.67 2.71
N DAL A 18 -8.16 2.21 2.62
CA DAL A 18 -7.18 1.71 1.65
CB DAL A 18 -6.22 0.74 2.35
C DAL A 18 -6.40 2.85 1.03
O DAL A 18 -6.60 4.02 1.38
H DAL A 18 -7.92 2.94 3.23
HA DAL A 18 -7.71 1.17 0.86
HB1 DAL A 18 -5.41 0.50 1.67
HB2 DAL A 18 -6.75 -0.16 2.61
HB3 DAL A 18 -5.82 1.20 3.23
N PHE A 19 -5.49 2.51 0.11
CA PHE A 19 -4.67 3.51 -0.56
C PHE A 19 -4.28 2.99 -1.93
N TRP A 20 -3.48 3.77 -2.67
CA TRP A 20 -3.05 3.36 -4.01
C TRP A 20 -1.52 3.38 -4.08
N VAL A 21 -0.91 2.39 -4.74
CA VAL A 21 0.55 2.36 -4.83
C VAL A 21 1.02 1.70 -6.14
N GLN A 22 2.18 2.15 -6.62
CA GLN A 22 2.75 1.61 -7.86
C GLN A 22 4.26 1.41 -7.68
N VAL A 23 4.77 0.19 -7.94
CA VAL A 23 6.21 -0.07 -7.75
C VAL A 23 6.73 -1.16 -8.68
N DPR A 24 8.02 -1.19 -8.97
CA DPR A 24 8.62 -2.26 -9.84
CB DPR A 24 10.13 -2.06 -9.70
CG DPR A 24 10.29 -0.61 -9.39
CD DPR A 24 9.05 -0.21 -8.56
C DPR A 24 8.16 -2.16 -11.28
O DPR A 24 8.58 -1.28 -12.03
HA DPR A 24 8.35 -3.22 -9.44
HB2 DPR A 24 10.52 -2.67 -8.88
HB3 DPR A 24 10.64 -2.30 -10.62
HG2 DPR A 24 11.19 -0.45 -8.82
HG3 DPR A 24 10.31 -0.04 -10.29
HD2 DPR A 24 9.27 -0.29 -7.50
HD3 DPR A 24 8.76 0.80 -8.81
CAA 4G6 A 25 7.70 -4.00 -13.89
CAF 4G6 A 25 6.76 -3.19 -13.00
CAB 4G6 A 25 6.56 -1.81 -13.61
NAD 4G6 A 25 7.32 -3.09 -11.64
CAE 4G6 A 25 5.41 -3.90 -12.94
N 4G6 A 25 4.46 -3.15 -12.10
HAC 4G6 A 25 7.33 -3.98 -14.92
HAB 4G6 A 25 8.70 -3.57 -13.86
HAA 4G6 A 25 7.74 -5.03 -13.54
HAF 4G6 A 25 5.60 -1.76 -14.11
HAD 4G6 A 25 7.35 -1.61 -14.34
HAE 4G6 A 25 6.60 -1.05 -12.82
HAL 4G6 A 25 7.04 -3.77 -10.95
HAH 4G6 A 25 5.54 -4.90 -12.53
HAG 4G6 A 25 5.01 -3.97 -13.95
H 4G6 A 25 4.61 -3.06 -11.11
N LYS A 26 1.93 -2.74 -10.68
CA LYS A 26 2.49 -1.85 -11.71
C LYS A 26 3.42 -2.60 -12.63
N GLU A 27 0.95 -3.39 -7.89
CA GLU A 27 1.88 -4.15 -8.72
C GLU A 27 2.64 -3.21 -9.66
N PHE A 28 -1.51 -2.96 -6.30
CA PHE A 28 -0.15 -2.68 -5.85
C PHE A 28 0.88 -3.55 -6.56
N LYS A 29 -4.90 -1.92 -6.02
CA LYS A 29 -3.82 -2.50 -6.80
C LYS A 29 -2.47 -2.05 -6.27
N HIS A 30 -7.97 -2.30 -4.60
CA HIS A 30 -6.63 -1.77 -4.35
C HIS A 30 -5.54 -2.56 -5.04
C ACE A 31 -8.73 -1.83 -5.59
O ACE A 31 -8.37 -0.92 -6.34
CH3 ACE A 31 -10.10 -2.48 -5.76
H1 ACE A 31 -9.98 -3.46 -6.17
H2 ACE A 31 -10.71 -1.88 -6.41
H3 ACE A 31 -10.58 -2.55 -4.79
#